data_9OHZ
#
_entry.id   9OHZ
#
_cell.length_a   42.392
_cell.length_b   90.350
_cell.length_c   107.445
_cell.angle_alpha   90.00
_cell.angle_beta   90.00
_cell.angle_gamma   90.00
#
_symmetry.space_group_name_H-M   'P 21 21 21'
#
loop_
_entity.id
_entity.type
_entity.pdbx_description
1 polymer 'T-cell surface glycoprotein CD1a'
2 polymer Beta-2-microglobulin
3 non-polymer 2-acetamido-2-deoxy-beta-D-glucopyranose
4 non-polymer N-{(2S,3R)-1-[(4-O-beta-D-galactopyranosyl-beta-D-glucopyranosyl)oxy]-3-hydroxyoctadecan-2-yl}tetracosanamide
5 water water
#
loop_
_entity_poly.entity_id
_entity_poly.type
_entity_poly.pdbx_seq_one_letter_code
_entity_poly.pdbx_strand_id
1 'polypeptide(L)'
;ATGLKEPLSFHVTWIASFYNHSWKQNLVSGWLSDLQTHTWDSNSSTIVFLWPWSRGNFSNEEWKELETLFRIRTIRSFEG
IRRYAHELQFEYPFEIQVTGGCELHSGKVSGSFLQLAYQGSDFVSFQNNSWLPYPVAGNMAKHFCKVLNQNQHENDITHN
LLSDTCPRFILGLLDAGKAHLQRQVKPEAWLSHGPSPGPGHLQLVCHVSGFYPKPVWVMWMRGEQEQQGTQRGDILPSAD
GTWYLRATLEVAAGEAADLSCRVKHSSLEGQDIVLYWEGSLVPRG
;
A
2 'polypeptide(L)'
;AIQRTPKIQVYSRHPAENGKSNFLNCYVSGFHPSDIEVDLLKNGERIEKVEHSDLSFSKDWSFYLLYYTEFTPTEKDEYA
CRVNHVTLSQPKIVKWDRDMGSLVPR
;
B
#
# COMPACT_ATOMS: atom_id res chain seq x y z
N SER A 9 6.60 -14.78 -0.05
CA SER A 9 6.75 -14.31 -1.45
C SER A 9 7.64 -13.07 -1.54
N PHE A 10 8.85 -13.20 -2.08
CA PHE A 10 9.63 -12.01 -2.33
C PHE A 10 9.47 -11.64 -3.80
N HIS A 11 9.31 -10.35 -4.08
CA HIS A 11 9.29 -9.93 -5.47
C HIS A 11 9.87 -8.54 -5.62
N VAL A 12 10.27 -8.25 -6.86
CA VAL A 12 10.80 -6.96 -7.27
C VAL A 12 9.76 -6.36 -8.22
N THR A 13 9.46 -5.08 -8.05
CA THR A 13 8.55 -4.41 -8.97
C THR A 13 9.30 -3.33 -9.73
N TRP A 14 8.90 -3.14 -10.98
CA TRP A 14 9.49 -2.14 -11.85
C TRP A 14 8.36 -1.27 -12.35
N ILE A 15 8.47 0.05 -12.17
CA ILE A 15 7.50 1.00 -12.68
C ILE A 15 8.22 1.97 -13.60
N ALA A 16 7.80 2.01 -14.86
CA ALA A 16 8.40 2.89 -15.86
C ALA A 16 7.29 3.69 -16.51
N SER A 17 7.36 5.01 -16.40
CA SER A 17 6.34 5.90 -16.94
C SER A 17 6.98 6.72 -18.05
N PHE A 18 6.39 6.72 -19.24
CA PHE A 18 6.99 7.42 -20.36
C PHE A 18 6.10 8.55 -20.85
N TYR A 19 6.70 9.73 -21.01
CA TYR A 19 6.01 10.92 -21.48
C TYR A 19 6.74 11.55 -22.67
N ASN A 20 7.90 11.01 -23.03
CA ASN A 20 8.98 11.65 -23.82
C ASN A 20 8.81 13.15 -24.11
N TRP A 23 9.85 14.39 -19.16
CA TRP A 23 9.17 13.85 -18.00
C TRP A 23 9.13 12.33 -18.09
N LYS A 24 9.89 11.66 -17.21
CA LYS A 24 9.99 10.21 -17.19
C LYS A 24 10.11 9.76 -15.75
N GLN A 25 10.03 8.45 -15.53
CA GLN A 25 10.23 7.97 -14.16
C GLN A 25 10.41 6.47 -14.14
N ASN A 26 11.33 6.02 -13.29
CA ASN A 26 11.83 4.65 -13.32
C ASN A 26 11.91 4.30 -11.85
N LEU A 27 11.20 3.26 -11.42
CA LEU A 27 11.21 2.86 -10.02
C LEU A 27 11.42 1.36 -9.88
N VAL A 28 12.38 0.96 -9.05
CA VAL A 28 12.62 -0.44 -8.76
C VAL A 28 12.68 -0.64 -7.25
N SER A 29 11.89 -1.59 -6.73
CA SER A 29 11.82 -1.83 -5.30
C SER A 29 11.58 -3.31 -5.04
N GLY A 30 12.01 -3.78 -3.86
CA GLY A 30 11.84 -5.16 -3.47
C GLY A 30 10.94 -5.32 -2.26
N TRP A 31 10.21 -6.44 -2.21
CA TRP A 31 9.12 -6.64 -1.26
C TRP A 31 9.02 -8.06 -0.72
N LEU A 32 8.86 -8.18 0.60
CA LEU A 32 8.25 -9.36 1.22
C LEU A 32 6.76 -9.08 1.38
N SER A 33 5.95 -9.52 0.42
CA SER A 33 4.53 -9.20 0.40
C SER A 33 4.26 -7.71 0.60
N ASP A 34 3.69 -7.36 1.76
CA ASP A 34 3.37 -5.96 2.05
C ASP A 34 4.59 -5.15 2.48
N LEU A 35 5.63 -5.79 2.99
CA LEU A 35 6.78 -5.12 3.58
C LEU A 35 7.85 -4.79 2.55
N GLN A 36 8.11 -3.51 2.35
CA GLN A 36 9.22 -3.11 1.47
C GLN A 36 10.56 -3.36 2.15
N THR A 37 11.49 -3.98 1.42
CA THR A 37 12.80 -4.32 1.95
C THR A 37 13.95 -3.69 1.18
N HIS A 38 13.73 -3.27 -0.06
CA HIS A 38 14.79 -2.73 -0.90
C HIS A 38 14.23 -1.60 -1.76
N THR A 39 15.11 -0.65 -2.07
CA THR A 39 14.79 0.38 -3.05
C THR A 39 16.02 0.53 -3.94
N TRP A 40 15.82 1.06 -5.12
CA TRP A 40 16.94 1.31 -6.02
C TRP A 40 17.09 2.82 -6.05
N ASP A 41 18.26 3.32 -5.68
CA ASP A 41 18.45 4.77 -5.72
C ASP A 41 18.90 5.14 -7.13
N SER A 42 18.05 5.90 -7.83
CA SER A 42 18.23 6.38 -9.21
C SER A 42 19.29 7.44 -9.45
N ASN A 43 20.50 7.31 -8.91
CA ASN A 43 21.51 8.36 -9.06
C ASN A 43 22.86 7.80 -8.61
N SER A 44 22.84 7.05 -7.51
CA SER A 44 24.01 6.35 -7.01
C SER A 44 24.10 4.98 -7.66
N SER A 45 23.07 4.62 -8.41
CA SER A 45 22.77 3.27 -8.86
C SER A 45 23.05 2.22 -7.80
N THR A 46 22.66 2.47 -6.57
CA THR A 46 22.88 1.46 -5.55
C THR A 46 21.57 0.80 -5.17
N ILE A 47 21.69 -0.37 -4.57
CA ILE A 47 20.57 -1.05 -3.94
C ILE A 47 20.54 -0.60 -2.49
N VAL A 48 19.53 0.16 -2.10
CA VAL A 48 19.47 0.62 -0.72
C VAL A 48 18.70 -0.45 0.04
N PHE A 49 19.28 -0.85 1.18
CA PHE A 49 18.69 -1.82 2.09
C PHE A 49 17.95 -1.05 3.16
N LEU A 50 16.66 -1.34 3.29
CA LEU A 50 15.79 -0.56 4.16
C LEU A 50 15.84 -1.02 5.61
N TRP A 51 16.32 -2.23 5.86
CA TRP A 51 16.52 -2.80 7.18
C TRP A 51 17.90 -3.42 7.26
N PRO A 52 18.45 -3.57 8.48
CA PRO A 52 19.71 -4.32 8.65
C PRO A 52 19.66 -5.69 7.98
N TRP A 53 18.57 -6.43 8.19
CA TRP A 53 18.41 -7.80 7.69
C TRP A 53 18.05 -7.88 6.21
N SER A 54 17.91 -6.74 5.51
CA SER A 54 17.62 -6.79 4.07
C SER A 54 18.69 -7.51 3.27
N ARG A 55 19.91 -7.59 3.78
CA ARG A 55 20.97 -8.34 3.11
C ARG A 55 20.75 -9.84 3.09
N GLY A 56 19.79 -10.38 3.85
CA GLY A 56 19.70 -11.81 4.01
C GLY A 56 21.07 -12.37 4.35
N ASN A 57 21.30 -13.64 4.00
CA ASN A 57 22.67 -14.17 4.06
C ASN A 57 23.31 -14.06 2.68
N PHE A 58 23.46 -12.83 2.20
CA PHE A 58 24.18 -12.60 0.95
C PHE A 58 25.38 -11.70 1.19
N SER A 59 26.58 -12.22 0.91
CA SER A 59 27.83 -11.51 1.17
C SER A 59 27.86 -10.19 0.40
N ASN A 60 28.64 -9.23 0.94
CA ASN A 60 28.75 -7.91 0.32
C ASN A 60 29.15 -8.00 -1.15
N GLU A 61 30.00 -8.98 -1.49
CA GLU A 61 30.44 -9.04 -2.88
C GLU A 61 29.38 -9.68 -3.76
N GLU A 62 28.59 -10.62 -3.22
CA GLU A 62 27.51 -11.12 -4.05
C GLU A 62 26.46 -10.02 -4.21
N TRP A 63 26.42 -9.11 -3.24
CA TRP A 63 25.49 -8.00 -3.34
C TRP A 63 25.96 -7.00 -4.37
N LYS A 64 27.28 -6.91 -4.58
CA LYS A 64 27.73 -5.99 -5.64
C LYS A 64 27.51 -6.64 -7.00
N GLU A 65 27.51 -7.97 -7.03
CA GLU A 65 27.16 -8.67 -8.26
C GLU A 65 25.71 -8.34 -8.61
N LEU A 66 24.81 -8.55 -7.64
CA LEU A 66 23.41 -8.23 -7.87
C LEU A 66 23.23 -6.79 -8.30
N GLU A 67 23.97 -5.85 -7.68
CA GLU A 67 23.84 -4.44 -8.08
C GLU A 67 24.25 -4.23 -9.53
N THR A 68 25.31 -4.93 -9.96
CA THR A 68 25.76 -4.80 -11.34
C THR A 68 24.62 -5.18 -12.27
N LEU A 69 24.06 -6.38 -12.07
CA LEU A 69 22.97 -6.80 -12.92
C LEU A 69 21.71 -5.93 -12.80
N PHE A 70 21.40 -5.33 -11.64
CA PHE A 70 20.25 -4.43 -11.63
C PHE A 70 20.46 -3.15 -12.42
N ARG A 71 21.64 -2.52 -12.28
CA ARG A 71 22.07 -1.47 -13.21
C ARG A 71 21.80 -1.84 -14.65
N ILE A 72 22.54 -2.83 -15.14
CA ILE A 72 22.53 -3.09 -16.58
C ILE A 72 21.13 -3.43 -17.03
N ARG A 73 20.40 -4.25 -16.28
CA ARG A 73 19.14 -4.63 -16.88
C ARG A 73 18.10 -3.52 -16.74
N THR A 74 18.11 -2.74 -15.65
CA THR A 74 17.12 -1.67 -15.55
C THR A 74 17.31 -0.63 -16.64
N ILE A 75 18.55 -0.25 -16.93
CA ILE A 75 18.71 0.82 -17.92
C ILE A 75 18.77 0.31 -19.36
N ARG A 76 19.12 -0.96 -19.58
CA ARG A 76 18.91 -1.53 -20.90
C ARG A 76 17.43 -1.75 -21.15
N SER A 77 16.65 -2.06 -20.11
CA SER A 77 15.20 -2.22 -20.28
C SER A 77 14.54 -0.88 -20.59
N PHE A 78 14.90 0.17 -19.87
CA PHE A 78 14.32 1.47 -20.19
C PHE A 78 14.69 1.90 -21.61
N GLU A 79 15.96 1.79 -21.98
CA GLU A 79 16.33 2.18 -23.33
C GLU A 79 15.64 1.30 -24.36
N GLY A 80 15.66 -0.03 -24.18
CA GLY A 80 15.02 -0.90 -25.14
C GLY A 80 13.54 -0.56 -25.31
N ILE A 81 12.89 -0.18 -24.21
CA ILE A 81 11.45 0.05 -24.33
C ILE A 81 11.24 1.29 -25.17
N ARG A 82 12.15 2.26 -25.04
CA ARG A 82 11.91 3.50 -25.75
C ARG A 82 12.37 3.39 -27.21
N ARG A 83 13.39 2.58 -27.47
CA ARG A 83 13.80 2.39 -28.85
C ARG A 83 12.75 1.62 -29.65
N TYR A 84 12.10 0.64 -29.03
CA TYR A 84 11.12 -0.16 -29.78
C TYR A 84 9.70 0.40 -29.78
N ALA A 85 9.38 1.36 -28.89
CA ALA A 85 8.01 1.87 -28.76
C ALA A 85 7.28 2.21 -30.07
N HIS A 86 7.96 2.78 -31.06
CA HIS A 86 7.31 3.07 -32.35
C HIS A 86 6.76 1.81 -33.01
N GLU A 87 7.63 0.84 -33.25
CA GLU A 87 7.23 -0.35 -33.97
C GLU A 87 6.30 -1.22 -33.12
N LEU A 88 6.38 -1.12 -31.80
CA LEU A 88 5.47 -1.85 -30.93
C LEU A 88 4.10 -1.18 -30.78
N GLN A 89 3.95 0.04 -31.30
CA GLN A 89 2.74 0.87 -31.22
C GLN A 89 2.42 1.27 -29.79
N PHE A 90 3.45 1.42 -28.95
CA PHE A 90 3.25 2.01 -27.63
C PHE A 90 3.11 3.51 -27.86
N GLU A 91 1.99 4.08 -27.41
CA GLU A 91 1.71 5.49 -27.62
C GLU A 91 1.78 6.27 -26.31
N TYR A 92 2.43 7.44 -26.38
CA TYR A 92 2.61 8.27 -25.19
C TYR A 92 1.33 9.00 -24.81
N PRO A 93 1.04 9.12 -23.52
CA PRO A 93 1.84 8.56 -22.43
C PRO A 93 1.49 7.11 -22.19
N PHE A 94 2.43 6.33 -21.68
CA PHE A 94 2.10 4.97 -21.29
C PHE A 94 2.99 4.56 -20.14
N GLU A 95 2.59 3.49 -19.48
CA GLU A 95 3.29 2.98 -18.32
C GLU A 95 3.52 1.49 -18.48
N ILE A 96 4.70 1.04 -18.08
CA ILE A 96 5.02 -0.38 -18.03
C ILE A 96 5.21 -0.75 -16.57
N GLN A 97 4.61 -1.87 -16.18
CA GLN A 97 4.80 -2.36 -14.82
C GLN A 97 5.27 -3.80 -14.93
N VAL A 98 6.23 -4.16 -14.09
CA VAL A 98 6.73 -5.52 -14.04
C VAL A 98 6.73 -5.96 -12.59
N THR A 99 6.35 -7.21 -12.34
CA THR A 99 6.57 -7.81 -11.04
C THR A 99 7.13 -9.21 -11.20
N GLY A 100 8.21 -9.49 -10.48
CA GLY A 100 8.80 -10.81 -10.54
C GLY A 100 9.39 -11.25 -9.23
N GLY A 101 9.23 -12.52 -8.91
CA GLY A 101 9.80 -13.04 -7.67
C GLY A 101 9.47 -14.51 -7.52
N CYS A 102 9.45 -14.97 -6.26
CA CYS A 102 9.20 -16.38 -6.03
C CYS A 102 8.43 -16.56 -4.73
N GLU A 103 7.83 -17.75 -4.60
CA GLU A 103 7.00 -18.13 -3.46
C GLU A 103 7.58 -19.40 -2.84
N LYS A 108 3.59 -21.88 -4.53
CA LYS A 108 4.03 -22.36 -3.22
C LYS A 108 5.32 -23.18 -3.34
N VAL A 109 6.09 -23.19 -2.24
CA VAL A 109 7.25 -24.06 -2.05
C VAL A 109 8.47 -23.59 -2.85
N SER A 110 8.25 -23.22 -4.12
CA SER A 110 9.31 -22.63 -4.96
C SER A 110 8.73 -22.12 -6.28
N GLY A 111 7.41 -22.03 -6.34
CA GLY A 111 6.69 -21.18 -7.28
C GLY A 111 7.39 -19.90 -7.67
N SER A 112 7.48 -19.57 -8.96
CA SER A 112 8.14 -18.32 -9.34
C SER A 112 7.31 -17.67 -10.42
N PHE A 113 7.55 -16.38 -10.61
CA PHE A 113 6.73 -15.61 -11.55
C PHE A 113 7.46 -14.37 -12.03
N LEU A 114 7.03 -13.91 -13.21
CA LEU A 114 7.51 -12.67 -13.80
C LEU A 114 6.46 -12.22 -14.80
N GLN A 115 5.75 -11.13 -14.51
CA GLN A 115 4.65 -10.66 -15.35
C GLN A 115 4.84 -9.19 -15.64
N LEU A 116 4.39 -8.78 -16.83
CA LEU A 116 4.56 -7.43 -17.33
C LEU A 116 3.21 -6.95 -17.83
N ALA A 117 2.85 -5.73 -17.45
CA ALA A 117 1.63 -5.07 -17.88
C ALA A 117 1.96 -3.80 -18.65
N TYR A 118 1.08 -3.50 -19.61
CA TYR A 118 1.10 -2.29 -20.42
C TYR A 118 -0.24 -1.57 -20.23
N GLN A 119 -0.18 -0.30 -19.82
CA GLN A 119 -1.37 0.50 -19.51
C GLN A 119 -2.27 -0.21 -18.50
N GLY A 120 -1.66 -0.83 -17.49
CA GLY A 120 -2.42 -1.41 -16.40
C GLY A 120 -3.12 -2.71 -16.70
N SER A 121 -2.82 -3.36 -17.83
CA SER A 121 -3.42 -4.64 -18.16
C SER A 121 -2.36 -5.69 -18.45
N ASP A 122 -2.67 -6.93 -18.07
CA ASP A 122 -1.79 -8.07 -18.37
C ASP A 122 -1.35 -8.00 -19.82
N PHE A 123 -0.04 -8.14 -20.04
CA PHE A 123 0.48 -7.97 -21.38
C PHE A 123 1.33 -9.15 -21.80
N VAL A 124 2.44 -9.40 -21.09
CA VAL A 124 3.25 -10.59 -21.33
C VAL A 124 3.70 -11.17 -20.00
N SER A 125 4.09 -12.44 -20.01
CA SER A 125 4.73 -13.03 -18.85
C SER A 125 5.83 -13.99 -19.26
N PHE A 126 6.71 -14.29 -18.31
CA PHE A 126 7.85 -15.17 -18.52
C PHE A 126 7.50 -16.55 -17.97
N GLN A 127 7.54 -17.57 -18.84
CA GLN A 127 7.15 -18.92 -18.47
C GLN A 127 8.24 -19.92 -18.84
N ASN A 128 8.79 -20.57 -17.79
CA ASN A 128 9.98 -21.41 -17.85
C ASN A 128 11.13 -20.62 -18.43
N ASN A 129 11.24 -20.63 -19.76
CA ASN A 129 12.44 -20.21 -20.43
C ASN A 129 12.17 -19.11 -21.45
N SER A 130 10.93 -18.65 -21.59
CA SER A 130 10.68 -17.67 -22.65
C SER A 130 9.49 -16.78 -22.30
N TRP A 131 9.40 -15.65 -23.01
CA TRP A 131 8.28 -14.74 -22.81
C TRP A 131 7.11 -15.16 -23.69
N LEU A 132 5.93 -15.22 -23.10
CA LEU A 132 4.70 -15.58 -23.77
C LEU A 132 3.71 -14.42 -23.66
N PRO A 133 2.96 -14.13 -24.73
CA PRO A 133 1.99 -13.04 -24.66
C PRO A 133 0.69 -13.55 -24.05
N TYR A 134 0.04 -12.70 -23.26
CA TYR A 134 -1.32 -13.03 -22.88
C TYR A 134 -2.23 -12.96 -24.11
N PRO A 135 -3.03 -13.99 -24.37
CA PRO A 135 -3.89 -13.99 -25.56
C PRO A 135 -4.71 -12.73 -25.80
N VAL A 136 -5.41 -12.24 -24.76
CA VAL A 136 -6.30 -11.11 -24.98
C VAL A 136 -5.53 -9.86 -25.34
N ALA A 137 -4.23 -9.84 -25.07
CA ALA A 137 -3.44 -8.64 -25.33
C ALA A 137 -3.12 -8.48 -26.81
N GLY A 138 -3.39 -9.50 -27.62
CA GLY A 138 -3.35 -9.36 -29.06
C GLY A 138 -1.95 -9.44 -29.66
N ASN A 139 -1.88 -9.08 -30.95
CA ASN A 139 -0.64 -9.22 -31.70
C ASN A 139 0.42 -8.26 -31.22
N MET A 140 0.01 -7.17 -30.58
CA MET A 140 0.97 -6.22 -30.04
C MET A 140 1.85 -6.93 -29.03
N ALA A 141 1.23 -7.70 -28.14
CA ALA A 141 2.01 -8.41 -27.14
C ALA A 141 2.86 -9.47 -27.81
N LYS A 142 2.34 -10.05 -28.89
CA LYS A 142 3.10 -11.05 -29.62
C LYS A 142 4.37 -10.45 -30.19
N HIS A 143 4.24 -9.28 -30.83
CA HIS A 143 5.43 -8.64 -31.38
C HIS A 143 6.42 -8.25 -30.28
N PHE A 144 5.91 -7.96 -29.08
CA PHE A 144 6.80 -7.63 -27.99
C PHE A 144 7.61 -8.85 -27.60
N CYS A 145 6.97 -10.01 -27.54
CA CYS A 145 7.70 -11.21 -27.19
C CYS A 145 8.83 -11.46 -28.18
N LYS A 146 8.63 -11.13 -29.46
CA LYS A 146 9.72 -11.33 -30.42
C LYS A 146 10.96 -10.58 -29.97
N VAL A 147 10.82 -9.29 -29.68
CA VAL A 147 11.91 -8.50 -29.12
C VAL A 147 12.42 -9.14 -27.84
N LEU A 148 11.51 -9.45 -26.91
CA LEU A 148 11.89 -10.02 -25.62
C LEU A 148 12.60 -11.35 -25.76
N ASN A 149 12.42 -12.07 -26.87
CA ASN A 149 12.95 -13.41 -27.03
C ASN A 149 14.16 -13.46 -27.96
N GLN A 150 14.71 -12.29 -28.33
CA GLN A 150 15.78 -12.23 -29.31
C GLN A 150 17.08 -12.84 -28.82
N ASN A 151 17.27 -12.97 -27.51
CA ASN A 151 18.46 -13.64 -26.97
C ASN A 151 18.09 -14.77 -26.04
N GLN A 152 18.35 -16.01 -26.47
CA GLN A 152 17.94 -17.12 -25.62
C GLN A 152 18.75 -17.12 -24.34
N HIS A 153 20.02 -16.69 -24.42
CA HIS A 153 20.88 -16.66 -23.25
C HIS A 153 20.33 -15.69 -22.20
N GLU A 154 19.87 -14.51 -22.65
CA GLU A 154 19.31 -13.53 -21.72
C GLU A 154 18.04 -14.07 -21.07
N ASN A 155 17.30 -14.92 -21.79
CA ASN A 155 16.13 -15.58 -21.21
C ASN A 155 16.57 -16.64 -20.22
N ASP A 156 17.69 -17.31 -20.49
CA ASP A 156 18.23 -18.30 -19.58
C ASP A 156 18.70 -17.64 -18.29
N ILE A 157 19.22 -16.41 -18.41
CA ILE A 157 19.63 -15.66 -17.23
C ILE A 157 18.40 -15.31 -16.41
N THR A 158 17.34 -14.86 -17.09
CA THR A 158 16.10 -14.55 -16.39
C THR A 158 15.56 -15.77 -15.66
N HIS A 159 15.56 -16.93 -16.32
CA HIS A 159 15.12 -18.17 -15.69
C HIS A 159 15.92 -18.42 -14.43
N ASN A 160 17.25 -18.28 -14.49
CA ASN A 160 18.05 -18.62 -13.32
C ASN A 160 17.82 -17.58 -12.21
N LEU A 161 17.56 -16.33 -12.58
CA LEU A 161 17.24 -15.33 -11.56
C LEU A 161 15.98 -15.74 -10.81
N LEU A 162 15.03 -16.35 -11.52
CA LEU A 162 13.73 -16.67 -10.91
C LEU A 162 13.75 -17.99 -10.16
N SER A 163 14.42 -19.01 -10.69
CA SER A 163 14.37 -20.35 -10.12
C SER A 163 15.54 -20.66 -9.21
N ASP A 164 16.63 -19.90 -9.32
CA ASP A 164 17.82 -20.11 -8.50
C ASP A 164 18.10 -18.97 -7.53
N THR A 165 18.36 -17.76 -8.02
CA THR A 165 18.71 -16.65 -7.14
C THR A 165 17.59 -16.28 -6.19
N CYS A 166 16.36 -16.20 -6.70
CA CYS A 166 15.24 -15.76 -5.87
C CYS A 166 14.92 -16.73 -4.74
N PRO A 167 14.80 -18.05 -4.96
CA PRO A 167 14.55 -18.93 -3.81
C PRO A 167 15.63 -18.87 -2.73
N ARG A 168 16.91 -18.88 -3.11
CA ARG A 168 17.95 -18.77 -2.10
C ARG A 168 17.86 -17.45 -1.37
N PHE A 169 17.60 -16.37 -2.10
CA PHE A 169 17.55 -15.07 -1.43
C PHE A 169 16.40 -15.03 -0.44
N ILE A 170 15.22 -15.49 -0.86
CA ILE A 170 14.05 -15.38 0.02
C ILE A 170 14.24 -16.27 1.25
N LEU A 171 14.98 -17.37 1.08
CA LEU A 171 15.28 -18.22 2.23
C LEU A 171 16.15 -17.49 3.24
N GLY A 172 17.23 -16.88 2.75
CA GLY A 172 18.10 -16.13 3.63
C GLY A 172 17.42 -14.92 4.23
N LEU A 173 16.61 -14.23 3.44
CA LEU A 173 15.88 -13.05 3.89
C LEU A 173 14.92 -13.38 5.02
N LEU A 174 14.09 -14.41 4.84
CA LEU A 174 13.15 -14.78 5.90
C LEU A 174 13.90 -15.15 7.17
N ASP A 175 14.98 -15.96 7.06
CA ASP A 175 15.72 -16.29 8.26
C ASP A 175 16.28 -15.05 8.94
N ALA A 176 17.00 -14.22 8.19
CA ALA A 176 17.59 -12.99 8.72
C ALA A 176 16.55 -12.08 9.37
N GLY A 177 15.35 -12.00 8.81
CA GLY A 177 14.34 -11.12 9.34
C GLY A 177 13.35 -11.70 10.31
N LYS A 178 13.43 -13.01 10.61
CA LYS A 178 12.47 -13.69 11.48
C LYS A 178 12.05 -12.89 12.71
N ALA A 179 13.00 -12.20 13.35
CA ALA A 179 12.69 -11.44 14.55
C ALA A 179 11.69 -10.33 14.24
N HIS A 180 12.03 -9.48 13.27
CA HIS A 180 11.17 -8.38 12.85
C HIS A 180 9.84 -8.88 12.34
N LEU A 181 9.87 -9.97 11.56
CA LEU A 181 8.69 -10.42 10.84
C LEU A 181 7.69 -11.11 11.77
N GLN A 182 8.18 -11.67 12.88
CA GLN A 182 7.33 -12.34 13.86
C GLN A 182 7.13 -11.53 15.13
N ARG A 183 7.41 -10.22 15.09
CA ARG A 183 7.19 -9.39 16.27
C ARG A 183 5.69 -9.21 16.49
N GLN A 184 5.32 -8.93 17.74
CA GLN A 184 3.94 -8.69 18.11
C GLN A 184 3.81 -7.28 18.68
N VAL A 185 2.98 -6.46 18.05
CA VAL A 185 2.77 -5.08 18.49
C VAL A 185 1.30 -4.93 18.84
N LYS A 186 1.02 -4.54 20.08
CA LYS A 186 -0.33 -4.48 20.60
C LYS A 186 -1.13 -3.33 19.97
N PRO A 187 -2.38 -3.56 19.59
CA PRO A 187 -3.19 -2.47 19.05
C PRO A 187 -3.65 -1.53 20.16
N GLU A 188 -3.96 -0.30 19.77
CA GLU A 188 -4.78 0.55 20.61
C GLU A 188 -6.07 0.83 19.84
N ALA A 189 -7.11 1.23 20.57
CA ALA A 189 -8.39 1.46 19.92
C ALA A 189 -9.05 2.69 20.53
N TRP A 190 -10.05 3.20 19.83
CA TRP A 190 -10.83 4.34 20.33
C TRP A 190 -12.13 4.43 19.55
N LEU A 191 -13.12 5.12 20.12
CA LEU A 191 -14.45 5.21 19.53
C LEU A 191 -14.72 6.64 19.10
N SER A 192 -15.51 6.80 18.03
CA SER A 192 -15.96 8.12 17.62
C SER A 192 -17.30 8.02 16.90
N HIS A 193 -17.88 9.19 16.62
CA HIS A 193 -19.08 9.32 15.81
C HIS A 193 -18.70 9.31 14.34
N GLY A 194 -19.44 8.56 13.54
CA GLY A 194 -19.21 8.50 12.12
C GLY A 194 -19.95 9.62 11.42
N PRO A 195 -19.52 9.95 10.22
CA PRO A 195 -19.94 11.21 9.59
C PRO A 195 -21.31 11.20 8.93
N SER A 196 -21.75 10.09 8.36
CA SER A 196 -22.95 10.07 7.51
C SER A 196 -24.00 9.05 7.93
N PRO A 197 -24.60 9.20 9.11
CA PRO A 197 -25.72 8.34 9.48
C PRO A 197 -27.00 8.77 8.77
N GLY A 198 -27.89 7.80 8.52
CA GLY A 198 -29.19 8.11 8.01
C GLY A 198 -30.06 8.77 9.06
N PRO A 199 -31.22 9.31 8.67
CA PRO A 199 -32.06 10.01 9.64
C PRO A 199 -32.50 9.10 10.77
N GLY A 200 -32.43 9.61 11.99
CA GLY A 200 -32.80 8.86 13.17
C GLY A 200 -31.77 7.86 13.64
N HIS A 201 -30.60 7.79 12.97
CA HIS A 201 -29.59 6.80 13.28
C HIS A 201 -28.25 7.46 13.58
N LEU A 202 -27.38 6.67 14.20
CA LEU A 202 -26.02 7.05 14.52
C LEU A 202 -25.10 6.06 13.81
N GLN A 203 -23.88 6.53 13.55
CA GLN A 203 -22.79 5.69 13.07
C GLN A 203 -21.73 5.64 14.16
N LEU A 204 -21.57 4.47 14.77
CA LEU A 204 -20.55 4.24 15.79
C LEU A 204 -19.30 3.70 15.11
N VAL A 205 -18.15 4.32 15.38
CA VAL A 205 -16.92 3.96 14.71
C VAL A 205 -15.91 3.51 15.77
N CYS A 206 -15.34 2.33 15.57
CA CYS A 206 -14.30 1.78 16.41
C CYS A 206 -13.01 1.75 15.60
N HIS A 207 -12.02 2.53 16.03
CA HIS A 207 -10.72 2.65 15.38
C HIS A 207 -9.77 1.70 16.09
N VAL A 208 -8.99 0.96 15.30
CA VAL A 208 -7.95 0.05 15.79
C VAL A 208 -6.67 0.41 15.05
N SER A 209 -5.63 0.78 15.78
CA SER A 209 -4.40 1.27 15.16
CA SER A 209 -4.40 1.27 15.16
C SER A 209 -3.19 0.69 15.86
N GLY A 210 -2.08 0.66 15.13
CA GLY A 210 -0.81 0.31 15.75
C GLY A 210 -0.55 -1.16 15.95
N PHE A 211 -1.34 -2.05 15.35
CA PHE A 211 -1.12 -3.48 15.55
C PHE A 211 -0.24 -4.07 14.45
N TYR A 212 0.38 -5.19 14.80
CA TYR A 212 1.20 -5.99 13.88
C TYR A 212 1.35 -7.34 14.55
N PRO A 213 1.25 -8.45 13.80
CA PRO A 213 1.03 -8.50 12.34
C PRO A 213 -0.41 -8.21 11.94
N LYS A 214 -0.72 -8.42 10.65
CA LYS A 214 -1.92 -7.89 10.04
C LYS A 214 -3.23 -8.52 10.52
N PRO A 215 -3.33 -9.83 10.73
CA PRO A 215 -4.63 -10.43 11.05
C PRO A 215 -5.19 -9.86 12.35
N VAL A 216 -6.48 -9.50 12.33
CA VAL A 216 -7.09 -8.86 13.48
C VAL A 216 -8.58 -9.18 13.47
N TRP A 217 -9.20 -9.08 14.65
CA TRP A 217 -10.62 -9.33 14.80
C TRP A 217 -11.22 -8.12 15.51
N VAL A 218 -12.31 -7.57 14.98
CA VAL A 218 -12.95 -6.43 15.63
C VAL A 218 -14.44 -6.49 15.35
N MET A 219 -15.25 -6.38 16.40
CA MET A 219 -16.70 -6.43 16.25
C MET A 219 -17.37 -5.49 17.23
N TRP A 220 -18.44 -4.86 16.79
CA TRP A 220 -19.36 -4.26 17.74
C TRP A 220 -20.15 -5.37 18.42
N MET A 221 -20.44 -5.20 19.71
CA MET A 221 -21.11 -6.21 20.51
C MET A 221 -22.21 -5.57 21.33
N ARG A 222 -23.24 -6.36 21.59
CA ARG A 222 -24.20 -6.13 22.68
C ARG A 222 -23.98 -7.27 23.67
N GLY A 223 -23.23 -6.99 24.72
CA GLY A 223 -22.86 -8.06 25.63
C GLY A 223 -21.97 -9.05 24.91
N GLU A 224 -22.39 -10.32 24.93
CA GLU A 224 -21.66 -11.38 24.27
C GLU A 224 -22.14 -11.63 22.85
N GLN A 225 -23.12 -10.86 22.37
CA GLN A 225 -23.70 -11.01 21.04
C GLN A 225 -23.00 -10.14 20.00
N GLU A 226 -22.34 -10.76 19.02
CA GLU A 226 -21.73 -9.98 17.94
C GLU A 226 -22.83 -9.30 17.13
N GLN A 227 -22.61 -8.03 16.81
CA GLN A 227 -23.54 -7.27 15.98
C GLN A 227 -23.13 -7.41 14.53
N GLN A 228 -23.93 -8.15 13.77
CA GLN A 228 -23.56 -8.50 12.40
C GLN A 228 -23.65 -7.32 11.45
N GLY A 229 -24.23 -6.20 11.88
CA GLY A 229 -24.15 -4.97 11.10
C GLY A 229 -22.77 -4.35 11.04
N THR A 230 -21.81 -4.87 11.82
CA THR A 230 -20.48 -4.28 11.88
C THR A 230 -19.82 -4.29 10.51
N GLN A 231 -19.47 -3.12 9.99
CA GLN A 231 -18.84 -3.01 8.68
C GLN A 231 -17.37 -2.68 8.86
N ARG A 232 -16.53 -3.64 8.54
CA ARG A 232 -15.09 -3.51 8.64
C ARG A 232 -14.55 -2.81 7.39
N GLY A 233 -13.74 -1.77 7.57
CA GLY A 233 -13.08 -1.15 6.44
C GLY A 233 -11.83 -1.92 5.99
N ASP A 234 -11.16 -1.36 4.98
CA ASP A 234 -9.86 -1.89 4.59
C ASP A 234 -8.86 -1.78 5.73
N ILE A 235 -7.87 -2.66 5.73
CA ILE A 235 -6.75 -2.55 6.65
C ILE A 235 -5.71 -1.61 6.02
N LEU A 236 -5.36 -0.54 6.73
CA LEU A 236 -4.58 0.52 6.10
C LEU A 236 -3.21 0.67 6.77
N PRO A 237 -2.19 1.09 6.03
CA PRO A 237 -0.83 1.11 6.57
C PRO A 237 -0.51 2.41 7.29
N SER A 238 0.42 2.30 8.23
CA SER A 238 1.08 3.45 8.80
CA SER A 238 1.09 3.44 8.84
C SER A 238 2.56 3.40 8.47
N ALA A 239 3.20 4.58 8.48
CA ALA A 239 4.61 4.66 8.11
C ALA A 239 5.49 3.83 9.03
N ASP A 240 5.07 3.63 10.27
CA ASP A 240 5.91 2.88 11.20
C ASP A 240 5.76 1.38 11.04
N GLY A 241 5.02 0.94 10.02
CA GLY A 241 4.87 -0.46 9.72
C GLY A 241 3.75 -1.17 10.43
N THR A 242 2.95 -0.46 11.22
CA THR A 242 1.79 -1.09 11.84
C THR A 242 0.56 -0.84 10.96
N TRP A 243 -0.58 -1.36 11.41
CA TRP A 243 -1.79 -1.34 10.58
C TRP A 243 -2.92 -0.61 11.30
N TYR A 244 -3.96 -0.24 10.52
CA TYR A 244 -5.10 0.55 10.97
C TYR A 244 -6.37 -0.02 10.36
N LEU A 245 -7.46 0.07 11.12
CA LEU A 245 -8.77 -0.40 10.68
C LEU A 245 -9.83 0.40 11.41
N ARG A 246 -10.85 0.74 10.65
CA ARG A 246 -12.05 1.31 11.19
C ARG A 246 -13.23 0.32 11.05
N ALA A 247 -14.00 0.04 12.13
CA ALA A 247 -15.22 -0.79 12.04
C ALA A 247 -16.42 0.03 12.48
N THR A 248 -17.43 0.15 11.63
CA THR A 248 -18.57 1.00 11.93
C THR A 248 -19.84 0.18 12.07
N LEU A 249 -20.78 0.73 12.83
CA LEU A 249 -22.08 0.13 13.03
C LEU A 249 -23.12 1.24 12.94
N GLU A 250 -24.11 1.06 12.09
CA GLU A 250 -25.24 1.97 12.03
C GLU A 250 -26.33 1.44 12.95
N VAL A 251 -26.82 2.29 13.85
CA VAL A 251 -27.83 1.90 14.81
C VAL A 251 -28.86 3.00 14.96
N ALA A 252 -30.06 2.61 15.36
CA ALA A 252 -31.07 3.59 15.70
C ALA A 252 -30.60 4.31 16.95
N ALA A 253 -30.91 5.60 17.05
CA ALA A 253 -30.34 6.41 18.12
C ALA A 253 -30.76 5.88 19.48
N GLY A 254 -31.92 5.25 19.58
CA GLY A 254 -32.37 4.70 20.85
C GLY A 254 -31.61 3.47 21.34
N GLU A 255 -30.85 2.79 20.48
CA GLU A 255 -30.30 1.48 20.84
C GLU A 255 -28.78 1.44 20.94
N ALA A 256 -28.16 2.58 21.22
CA ALA A 256 -26.70 2.76 21.25
C ALA A 256 -26.10 2.65 22.64
N ALA A 257 -26.89 2.31 23.67
CA ALA A 257 -26.36 2.17 25.03
C ALA A 257 -25.44 1.00 25.35
N ASP A 258 -25.96 -0.16 25.73
CA ASP A 258 -25.15 -1.38 25.91
C ASP A 258 -24.21 -1.82 24.80
N LEU A 259 -23.85 -0.97 23.84
CA LEU A 259 -22.94 -1.40 22.79
C LEU A 259 -21.48 -1.18 23.21
N SER A 260 -20.63 -2.10 22.78
CA SER A 260 -19.19 -2.06 23.01
C SER A 260 -18.46 -2.49 21.75
N CYS A 261 -17.19 -2.10 21.64
CA CYS A 261 -16.32 -2.58 20.58
C CYS A 261 -15.27 -3.52 21.16
N ARG A 262 -15.13 -4.70 20.56
CA ARG A 262 -14.23 -5.73 21.04
C ARG A 262 -13.18 -6.04 19.98
N VAL A 263 -11.92 -5.99 20.38
CA VAL A 263 -10.76 -6.21 19.53
C VAL A 263 -10.02 -7.44 20.03
N LYS A 264 -9.77 -8.39 19.13
CA LYS A 264 -8.93 -9.56 19.41
C LYS A 264 -7.74 -9.49 18.47
N HIS A 265 -6.56 -9.78 19.02
CA HIS A 265 -5.33 -9.77 18.25
C HIS A 265 -4.32 -10.71 18.89
N SER A 266 -3.52 -11.36 18.04
CA SER A 266 -2.49 -12.29 18.49
C SER A 266 -1.65 -11.71 19.63
N SER A 267 -1.40 -10.40 19.60
CA SER A 267 -0.48 -9.77 20.53
C SER A 267 -1.06 -9.62 21.93
N LEU A 268 -2.39 -9.76 22.08
CA LEU A 268 -3.05 -9.51 23.36
C LEU A 268 -3.15 -10.76 24.23
N GLU A 269 -2.83 -11.93 23.68
CA GLU A 269 -2.85 -13.20 24.41
C GLU A 269 -4.15 -13.39 25.19
N GLY A 270 -5.27 -13.24 24.49
CA GLY A 270 -6.58 -13.47 25.07
C GLY A 270 -7.18 -12.29 25.79
N GLN A 271 -6.40 -11.25 26.07
CA GLN A 271 -6.90 -10.06 26.77
C GLN A 271 -7.44 -9.06 25.76
N ASP A 272 -8.67 -9.29 25.33
CA ASP A 272 -9.32 -8.44 24.32
C ASP A 272 -9.36 -6.99 24.78
N ILE A 273 -9.23 -6.08 23.82
CA ILE A 273 -9.57 -4.69 24.08
C ILE A 273 -11.09 -4.56 24.00
N VAL A 274 -11.69 -3.94 25.01
CA VAL A 274 -13.13 -3.72 25.00
C VAL A 274 -13.39 -2.27 25.38
N LEU A 275 -14.06 -1.54 24.49
CA LEU A 275 -14.39 -0.15 24.71
C LEU A 275 -15.90 -0.01 24.71
N TYR A 276 -16.40 0.94 25.49
CA TYR A 276 -17.83 1.06 25.72
C TYR A 276 -18.32 2.39 25.18
N TRP A 277 -19.40 2.33 24.41
CA TRP A 277 -20.03 3.53 23.88
C TRP A 277 -20.67 4.20 25.07
N GLU A 278 -20.08 5.33 25.50
CA GLU A 278 -20.60 6.01 26.67
C GLU A 278 -19.77 7.20 27.11
N GLY A 279 -20.01 7.73 28.30
CA GLY A 279 -19.42 8.99 28.69
C GLY A 279 -20.08 10.04 27.83
N SER A 280 -19.26 10.92 27.25
CA SER A 280 -19.79 12.01 26.44
C SER A 280 -20.23 11.54 25.06
N LEU A 281 -19.95 10.29 24.69
CA LEU A 281 -20.40 9.73 23.42
C LEU A 281 -21.89 9.44 23.36
N VAL A 282 -22.59 9.45 24.49
CA VAL A 282 -24.02 9.13 24.50
C VAL A 282 -24.88 10.34 24.16
N PRO A 283 -24.79 11.48 24.87
CA PRO A 283 -23.98 11.82 26.05
C PRO A 283 -24.76 11.57 27.34
N ARG A 284 -24.10 11.23 28.44
CA ARG A 284 -24.80 11.02 29.71
C ARG A 284 -25.11 12.35 30.37
N ALA B 1 -11.27 4.45 -19.95
CA ALA B 1 -11.40 3.01 -20.19
C ALA B 1 -10.33 2.26 -19.40
N ILE B 2 -9.08 2.48 -19.83
CA ILE B 2 -7.92 1.97 -19.11
C ILE B 2 -7.53 2.83 -17.89
N GLN B 3 -8.29 3.88 -17.56
CA GLN B 3 -7.98 4.71 -16.40
C GLN B 3 -8.82 4.28 -15.18
N ARG B 4 -8.22 4.37 -13.98
CA ARG B 4 -8.90 4.00 -12.74
C ARG B 4 -8.81 5.12 -11.70
N THR B 5 -9.94 5.44 -11.06
CA THR B 5 -10.03 6.59 -10.15
C THR B 5 -9.59 6.21 -8.73
N PRO B 6 -8.92 7.14 -8.04
CA PRO B 6 -8.36 6.82 -6.72
C PRO B 6 -9.38 6.72 -5.60
N LYS B 7 -9.18 5.74 -4.72
CA LYS B 7 -9.88 5.67 -3.46
C LYS B 7 -9.03 6.44 -2.46
N ILE B 8 -9.68 7.19 -1.55
CA ILE B 8 -8.96 8.09 -0.65
C ILE B 8 -9.46 7.91 0.77
N GLN B 9 -8.55 7.58 1.69
CA GLN B 9 -8.94 7.26 3.07
C GLN B 9 -8.02 8.03 4.02
N VAL B 10 -8.63 8.68 5.01
CA VAL B 10 -7.93 9.60 5.90
C VAL B 10 -8.08 9.13 7.34
N TYR B 11 -6.97 9.10 8.08
CA TYR B 11 -7.02 8.54 9.42
C TYR B 11 -5.84 9.03 10.24
N SER B 12 -5.99 8.98 11.57
CA SER B 12 -4.92 9.37 12.46
C SER B 12 -4.27 8.13 13.08
N ARG B 13 -2.99 8.27 13.43
CA ARG B 13 -2.27 7.16 14.04
C ARG B 13 -2.76 6.86 15.45
N HIS B 14 -3.13 7.89 16.20
CA HIS B 14 -3.61 7.81 17.57
C HIS B 14 -4.92 8.57 17.68
N PRO B 15 -5.71 8.33 18.74
CA PRO B 15 -6.90 9.16 18.96
C PRO B 15 -6.54 10.63 19.02
N ALA B 16 -7.46 11.48 18.55
CA ALA B 16 -7.24 12.92 18.61
C ALA B 16 -7.29 13.39 20.05
N GLU B 17 -6.23 14.09 20.47
CA GLU B 17 -6.18 14.74 21.78
C GLU B 17 -5.53 16.09 21.59
N ASN B 18 -6.24 17.18 21.91
CA ASN B 18 -5.72 18.49 21.60
C ASN B 18 -4.40 18.74 22.32
N GLY B 19 -3.45 19.33 21.61
CA GLY B 19 -2.16 19.65 22.15
C GLY B 19 -1.18 18.47 22.21
N LYS B 20 -1.57 17.28 21.76
CA LYS B 20 -0.63 16.17 21.71
C LYS B 20 -0.31 15.77 20.27
N SER B 21 0.99 15.66 20.00
CA SER B 21 1.51 15.25 18.71
C SER B 21 0.92 13.91 18.27
N ASN B 22 0.72 13.78 16.97
CA ASN B 22 0.00 12.67 16.34
C ASN B 22 0.48 12.62 14.90
N PHE B 23 -0.05 11.66 14.13
CA PHE B 23 0.28 11.56 12.71
C PHE B 23 -1.00 11.45 11.91
N LEU B 24 -1.10 12.26 10.87
CA LEU B 24 -2.22 12.24 9.95
C LEU B 24 -1.83 11.48 8.68
N ASN B 25 -2.71 10.60 8.21
CA ASN B 25 -2.45 9.72 7.09
C ASN B 25 -3.51 9.92 6.03
N CYS B 26 -3.09 9.85 4.76
CA CYS B 26 -3.99 9.80 3.61
C CYS B 26 -3.53 8.71 2.66
N TYR B 27 -4.29 7.63 2.58
CA TYR B 27 -3.98 6.45 1.79
C TYR B 27 -4.76 6.55 0.48
N VAL B 28 -4.04 6.64 -0.63
CA VAL B 28 -4.66 6.77 -1.95
C VAL B 28 -4.35 5.49 -2.71
N SER B 29 -5.37 4.83 -3.24
CA SER B 29 -5.14 3.51 -3.81
C SER B 29 -6.07 3.22 -4.97
N GLY B 30 -5.78 2.14 -5.69
CA GLY B 30 -6.62 1.70 -6.78
C GLY B 30 -6.68 2.62 -7.99
N PHE B 31 -5.68 3.46 -8.21
CA PHE B 31 -5.69 4.39 -9.32
C PHE B 31 -4.69 4.00 -10.41
N HIS B 32 -4.95 4.51 -11.61
CA HIS B 32 -4.14 4.32 -12.80
C HIS B 32 -4.53 5.40 -13.80
N PRO B 33 -3.57 6.12 -14.42
CA PRO B 33 -2.11 5.98 -14.34
C PRO B 33 -1.52 6.50 -13.03
N SER B 34 -0.20 6.38 -12.84
CA SER B 34 0.38 6.67 -11.53
C SER B 34 0.54 8.16 -11.25
N ASP B 35 0.47 9.01 -12.28
CA ASP B 35 0.60 10.44 -12.06
C ASP B 35 -0.57 10.93 -11.20
N ILE B 36 -0.25 11.49 -10.04
CA ILE B 36 -1.25 11.90 -9.06
C ILE B 36 -0.66 13.03 -8.22
N GLU B 37 -1.51 13.92 -7.72
CA GLU B 37 -1.06 14.97 -6.83
C GLU B 37 -1.87 14.94 -5.55
N VAL B 38 -1.19 14.85 -4.41
CA VAL B 38 -1.83 14.66 -3.11
C VAL B 38 -1.26 15.69 -2.14
N ASP B 39 -2.14 16.49 -1.55
CA ASP B 39 -1.78 17.48 -0.54
C ASP B 39 -2.52 17.18 0.76
N LEU B 40 -1.86 17.39 1.89
CA LEU B 40 -2.57 17.41 3.16
C LEU B 40 -2.86 18.86 3.52
N LEU B 41 -4.08 19.11 3.98
CA LEU B 41 -4.55 20.46 4.24
C LEU B 41 -4.84 20.64 5.72
N LYS B 42 -4.44 21.80 6.24
CA LYS B 42 -4.83 22.29 7.56
C LYS B 42 -5.58 23.60 7.37
N ASN B 43 -6.85 23.62 7.78
CA ASN B 43 -7.71 24.80 7.60
C ASN B 43 -7.63 25.31 6.16
N GLY B 44 -7.75 24.37 5.23
CA GLY B 44 -7.77 24.68 3.81
C GLY B 44 -6.42 25.00 3.19
N GLU B 45 -5.36 25.08 3.98
CA GLU B 45 -4.04 25.46 3.51
C GLU B 45 -3.13 24.24 3.44
N ARG B 46 -2.29 24.19 2.43
CA ARG B 46 -1.44 23.02 2.22
C ARG B 46 -0.35 22.96 3.29
N ILE B 47 -0.12 21.77 3.82
CA ILE B 47 0.91 21.53 4.82
C ILE B 47 2.24 21.28 4.12
N GLU B 48 3.29 22.01 4.52
CA GLU B 48 4.51 22.05 3.74
C GLU B 48 5.28 20.73 3.78
N LYS B 49 5.54 20.16 4.96
CA LYS B 49 6.38 18.98 4.96
C LYS B 49 5.53 17.74 5.23
N VAL B 50 5.22 17.05 4.13
CA VAL B 50 4.47 15.81 4.07
C VAL B 50 5.34 14.75 3.42
N GLU B 51 5.32 13.54 3.94
CA GLU B 51 6.05 12.44 3.32
C GLU B 51 5.09 11.43 2.68
N HIS B 52 5.64 10.68 1.74
CA HIS B 52 4.90 9.56 1.19
C HIS B 52 5.82 8.36 0.99
N SER B 53 5.18 7.20 0.98
CA SER B 53 5.83 5.92 0.70
C SER B 53 6.26 5.86 -0.75
N ASP B 54 7.18 4.94 -1.04
CA ASP B 54 7.50 4.65 -2.43
C ASP B 54 6.27 4.13 -3.15
N LEU B 55 6.05 4.63 -4.37
CA LEU B 55 4.97 4.16 -5.22
C LEU B 55 5.02 2.64 -5.40
N SER B 56 3.86 2.00 -5.28
CA SER B 56 3.75 0.57 -5.48
C SER B 56 2.42 0.29 -6.18
N PHE B 57 2.20 -0.98 -6.54
CA PHE B 57 0.93 -1.39 -7.12
C PHE B 57 0.50 -2.75 -6.59
N SER B 58 -0.81 -3.01 -6.69
CA SER B 58 -1.47 -4.23 -6.26
C SER B 58 -1.51 -5.26 -7.38
N LYS B 59 -2.06 -6.45 -7.08
CA LYS B 59 -2.18 -7.52 -8.08
C LYS B 59 -2.86 -7.04 -9.35
N ASP B 60 -3.87 -6.19 -9.23
CA ASP B 60 -4.61 -5.76 -10.42
C ASP B 60 -3.93 -4.60 -11.13
N TRP B 61 -2.69 -4.29 -10.76
CA TRP B 61 -1.80 -3.31 -11.41
C TRP B 61 -2.14 -1.88 -11.01
N SER B 62 -3.18 -1.65 -10.23
CA SER B 62 -3.49 -0.30 -9.79
C SER B 62 -2.51 0.14 -8.70
N PHE B 63 -2.23 1.44 -8.68
CA PHE B 63 -1.18 2.00 -7.84
C PHE B 63 -1.74 2.39 -6.48
N TYR B 64 -0.86 2.52 -5.51
CA TYR B 64 -1.23 3.00 -4.19
C TYR B 64 -0.05 3.69 -3.51
N LEU B 65 -0.38 4.68 -2.68
CA LEU B 65 0.58 5.53 -1.98
C LEU B 65 0.02 5.89 -0.61
N LEU B 66 0.91 5.99 0.37
CA LEU B 66 0.58 6.53 1.68
C LEU B 66 1.24 7.89 1.83
N TYR B 67 0.45 8.92 2.15
CA TYR B 67 0.96 10.24 2.47
C TYR B 67 0.76 10.46 3.97
N TYR B 68 1.72 11.12 4.64
CA TYR B 68 1.53 11.32 6.07
C TYR B 68 2.35 12.50 6.56
N THR B 69 1.92 13.05 7.70
CA THR B 69 2.70 14.09 8.36
C THR B 69 2.46 14.05 9.86
N GLU B 70 3.47 14.49 10.62
CA GLU B 70 3.30 14.68 12.05
C GLU B 70 2.55 16.00 12.26
N PHE B 71 1.65 16.01 13.24
CA PHE B 71 0.86 17.21 13.50
C PHE B 71 0.33 17.20 14.92
N THR B 72 -0.02 18.39 15.41
CA THR B 72 -0.66 18.49 16.72
C THR B 72 -2.02 19.18 16.56
N PRO B 73 -3.12 18.47 16.74
CA PRO B 73 -4.43 19.11 16.54
C PRO B 73 -4.83 19.97 17.71
N THR B 74 -5.52 21.06 17.41
CA THR B 74 -6.25 21.80 18.42
C THR B 74 -7.73 21.70 18.09
N GLU B 75 -8.59 22.19 18.98
CA GLU B 75 -10.02 21.98 18.75
C GLU B 75 -10.55 22.83 17.59
N LYS B 76 -9.79 23.83 17.14
CA LYS B 76 -10.28 24.74 16.12
C LYS B 76 -9.87 24.30 14.72
N ASP B 77 -8.93 23.36 14.62
CA ASP B 77 -8.32 23.01 13.34
C ASP B 77 -9.08 21.88 12.68
N GLU B 78 -9.24 21.98 11.37
CA GLU B 78 -9.82 20.94 10.52
C GLU B 78 -8.73 20.51 9.54
N TYR B 79 -8.61 19.21 9.32
CA TYR B 79 -7.62 18.69 8.39
C TYR B 79 -8.29 17.85 7.31
N ALA B 80 -7.61 17.76 6.17
CA ALA B 80 -8.17 17.04 5.03
C ALA B 80 -7.06 16.59 4.10
N CYS B 81 -7.42 15.74 3.15
CA CYS B 81 -6.55 15.31 2.06
C CYS B 81 -7.16 15.74 0.73
N ARG B 82 -6.36 16.37 -0.13
CA ARG B 82 -6.83 16.85 -1.42
C ARG B 82 -6.07 16.13 -2.52
N VAL B 83 -6.81 15.47 -3.41
CA VAL B 83 -6.22 14.59 -4.43
C VAL B 83 -6.67 15.09 -5.79
N ASN B 84 -5.72 15.21 -6.72
CA ASN B 84 -6.04 15.48 -8.11
C ASN B 84 -5.41 14.39 -8.99
N HIS B 85 -6.18 13.96 -9.99
CA HIS B 85 -5.83 12.84 -10.84
C HIS B 85 -6.58 13.02 -12.15
N VAL B 86 -6.05 12.43 -13.22
CA VAL B 86 -6.66 12.62 -14.53
C VAL B 86 -8.11 12.15 -14.53
N THR B 87 -8.44 11.15 -13.71
CA THR B 87 -9.81 10.65 -13.65
C THR B 87 -10.78 11.61 -12.97
N LEU B 88 -10.31 12.70 -12.38
CA LEU B 88 -11.16 13.57 -11.57
C LEU B 88 -11.45 14.87 -12.31
N SER B 89 -12.74 15.17 -12.48
CA SER B 89 -13.16 16.47 -13.02
C SER B 89 -12.54 17.61 -12.24
N GLN B 90 -12.45 17.48 -10.92
CA GLN B 90 -11.92 18.54 -10.06
C GLN B 90 -11.28 17.85 -8.87
N PRO B 91 -10.31 18.49 -8.22
CA PRO B 91 -9.71 17.91 -7.01
C PRO B 91 -10.77 17.43 -6.02
N LYS B 92 -10.55 16.23 -5.50
CA LYS B 92 -11.46 15.61 -4.54
C LYS B 92 -10.87 15.79 -3.15
N ILE B 93 -11.69 16.21 -2.20
CA ILE B 93 -11.25 16.54 -0.84
C ILE B 93 -11.95 15.62 0.15
N VAL B 94 -11.17 14.89 0.95
CA VAL B 94 -11.71 13.99 1.96
C VAL B 94 -11.21 14.45 3.33
N LYS B 95 -12.13 14.76 4.23
CA LYS B 95 -11.79 15.31 5.53
C LYS B 95 -11.39 14.24 6.54
N TRP B 96 -10.55 14.63 7.48
CA TRP B 96 -10.27 13.84 8.68
C TRP B 96 -11.44 13.97 9.65
N ASP B 97 -12.13 12.85 9.91
CA ASP B 97 -13.28 12.82 10.81
C ASP B 97 -12.81 12.63 12.26
N ARG B 98 -13.05 13.63 13.10
CA ARG B 98 -12.85 13.51 14.55
C ARG B 98 -14.03 14.09 15.30
N ASP B 99 -14.21 13.62 16.54
CA ASP B 99 -15.34 14.03 17.37
C ASP B 99 -15.21 15.45 17.91
N MET B 100 -14.05 15.78 18.50
CA MET B 100 -13.74 17.08 19.07
C MET B 100 -14.44 17.35 20.40
N GLY B 101 -15.73 17.04 20.51
CA GLY B 101 -16.45 17.15 21.76
C GLY B 101 -17.16 18.48 21.93
N SER B 102 -17.50 18.77 23.20
CA SER B 102 -18.13 20.03 23.62
C SER B 102 -19.33 20.38 22.76
N LEU B 103 -20.11 19.36 22.38
CA LEU B 103 -21.29 19.54 21.55
C LEU B 103 -22.12 20.73 22.02
N VAL B 104 -22.31 20.85 23.32
CA VAL B 104 -22.92 22.01 23.97
C VAL B 104 -22.47 21.98 25.43
N PRO B 105 -21.96 23.08 25.99
CA PRO B 105 -21.53 23.20 27.39
C PRO B 105 -22.46 22.53 28.39
#